data_6RXO
#
_entry.id   6RXO
#
_cell.length_a   60.490
_cell.length_b   92.440
_cell.length_c   94.450
_cell.angle_alpha   90.000
_cell.angle_beta   90.000
_cell.angle_gamma   90.000
#
_symmetry.space_group_name_H-M   'P 21 21 21'
#
loop_
_entity.id
_entity.type
_entity.pdbx_description
1 polymer 'NAD-dependent protein deacylase'
2 polymer 'Histone H4'
3 non-polymer 'ZINC ION'
4 water water
#
loop_
_entity_poly.entity_id
_entity_poly.type
_entity_poly.pdbx_seq_one_letter_code
_entity_poly.pdbx_strand_id
1 'polypeptide(L)'
;MGSSHHHHHHSQDPKPRVLVLTGAGISAESGIRTFRAADGLWEEHRVEDVGTPEGFDRDPELVQAFYNARRRQLQQPEIQ
PNAAHLALAKLQDALGDRFLLVTQNCDNLHERAGNTNVIHMHGELLKVRCSQSGQALDWTGDVTPEDKCHCCQFPAPLRP
HVVWFGEMPLGMDEIYMALSMADIFIAIGTSGHVYPAAGFVHEAKLHGAHTVELNLEPSQVGNEFAEKYYGPASQVVPEF
VEKLLKGLKAGSIA
;
A,B
2 'polypeptide(L)' KGGA(BTK)RHRKIL C,D
#
loop_
_chem_comp.id
_chem_comp.type
_chem_comp.name
_chem_comp.formula
ZN non-polymer 'ZINC ION' 'Zn 2'
#
# COMPACT_ATOMS: atom_id res chain seq x y z
N LYS A 15 37.65 6.12 -1.58
CA LYS A 15 36.84 4.93 -1.75
C LYS A 15 35.41 5.32 -2.12
N PRO A 16 34.79 4.56 -3.02
CA PRO A 16 33.42 4.88 -3.43
C PRO A 16 32.40 4.50 -2.36
N ARG A 17 31.33 5.29 -2.23
CA ARG A 17 30.22 4.92 -1.37
C ARG A 17 29.35 3.90 -2.09
N VAL A 18 29.16 2.74 -1.47
CA VAL A 18 28.41 1.67 -2.12
C VAL A 18 27.15 1.31 -1.34
N LEU A 19 26.02 1.36 -2.03
CA LEU A 19 24.75 0.92 -1.47
C LEU A 19 24.30 -0.34 -2.20
N VAL A 20 24.06 -1.40 -1.45
CA VAL A 20 23.64 -2.68 -2.03
C VAL A 20 22.21 -2.99 -1.62
N LEU A 21 21.38 -3.30 -2.61
CA LEU A 21 20.02 -3.77 -2.35
C LEU A 21 19.90 -5.24 -2.73
N THR A 22 19.46 -6.08 -1.79
CA THR A 22 19.30 -7.49 -2.12
C THR A 22 17.84 -7.92 -2.01
N GLY A 23 17.47 -8.84 -2.90
CA GLY A 23 16.14 -9.43 -2.90
C GLY A 23 16.22 -10.94 -2.74
N ALA A 24 15.10 -11.59 -2.99
CA ALA A 24 14.97 -13.03 -2.74
C ALA A 24 15.94 -13.89 -3.54
N GLY A 25 16.37 -13.38 -4.69
CA GLY A 25 17.25 -14.11 -5.58
C GLY A 25 18.57 -14.53 -4.96
N ILE A 26 19.09 -13.74 -4.05
CA ILE A 26 20.38 -14.02 -3.43
C ILE A 26 20.30 -15.19 -2.45
N SER A 27 19.12 -15.42 -1.89
CA SER A 27 18.96 -16.48 -0.91
C SER A 27 18.36 -17.76 -1.51
N ALA A 28 18.06 -17.72 -2.81
CA ALA A 28 17.44 -18.86 -3.47
C ALA A 28 18.33 -20.11 -3.41
N GLU A 29 19.62 -19.93 -3.63
CA GLU A 29 20.56 -21.05 -3.62
C GLU A 29 20.72 -21.65 -2.24
N SER A 30 20.41 -20.88 -1.20
CA SER A 30 20.51 -21.34 0.18
C SER A 30 19.29 -22.17 0.57
N GLY A 31 18.27 -22.16 -0.28
CA GLY A 31 17.06 -22.93 -0.03
C GLY A 31 15.88 -22.12 0.47
N ILE A 32 16.01 -20.80 0.45
CA ILE A 32 14.92 -19.91 0.83
C ILE A 32 14.12 -19.47 -0.39
N ARG A 33 12.86 -19.92 -0.50
CA ARG A 33 12.05 -19.51 -1.63
C ARG A 33 11.04 -18.43 -1.25
N THR A 34 10.48 -17.81 -2.28
CA THR A 34 9.52 -16.72 -2.12
C THR A 34 8.47 -16.83 -3.21
N PHE A 35 7.72 -15.75 -3.43
CA PHE A 35 6.70 -15.71 -4.46
C PHE A 35 7.29 -16.04 -5.83
N ARG A 36 6.77 -17.10 -6.44
CA ARG A 36 7.28 -17.57 -7.71
C ARG A 36 6.89 -16.57 -8.81
N ALA A 37 7.72 -16.49 -9.83
CA ALA A 37 7.48 -15.58 -10.94
C ALA A 37 6.26 -16.04 -11.74
N ALA A 38 6.11 -17.36 -11.85
CA ALA A 38 5.07 -17.95 -12.68
C ALA A 38 3.66 -17.57 -12.27
N ASP A 39 3.38 -17.60 -10.97
CA ASP A 39 2.03 -17.36 -10.47
C ASP A 39 1.95 -16.52 -9.17
N GLY A 40 3.09 -16.19 -8.58
CA GLY A 40 3.08 -15.38 -7.37
C GLY A 40 2.78 -16.12 -6.07
N LEU A 41 2.80 -17.44 -6.10
CA LEU A 41 2.52 -18.19 -4.87
C LEU A 41 3.77 -18.32 -4.01
N TRP A 42 3.60 -18.14 -2.70
CA TRP A 42 4.68 -18.29 -1.73
C TRP A 42 4.40 -19.53 -0.89
N GLU A 43 5.17 -20.59 -1.11
CA GLU A 43 4.93 -21.88 -0.47
C GLU A 43 3.50 -22.33 -0.72
N GLU A 44 3.06 -22.17 -1.98
CA GLU A 44 1.73 -22.55 -2.41
C GLU A 44 0.63 -21.77 -1.67
N HIS A 45 1.00 -20.59 -1.19
CA HIS A 45 0.04 -19.70 -0.52
C HIS A 45 -0.11 -18.42 -1.33
N ARG A 46 -1.33 -17.89 -1.40
CA ARG A 46 -1.56 -16.61 -2.05
C ARG A 46 -1.01 -15.49 -1.18
N VAL A 47 -0.48 -14.45 -1.84
CA VAL A 47 0.10 -13.29 -1.17
C VAL A 47 -0.93 -12.69 -0.28
N GLU A 48 -2.11 -12.63 -0.88
CA GLU A 48 -3.24 -11.96 -0.33
C GLU A 48 -3.65 -12.57 1.01
N ASP A 49 -3.48 -13.88 1.16
CA ASP A 49 -3.85 -14.57 2.40
C ASP A 49 -2.78 -14.53 3.51
N VAL A 50 -1.51 -14.49 3.14
CA VAL A 50 -0.44 -14.55 4.15
C VAL A 50 0.49 -13.34 4.15
N GLY A 51 0.30 -12.42 3.21
CA GLY A 51 1.17 -11.26 3.10
C GLY A 51 0.46 -9.92 3.16
N THR A 52 -0.72 -9.87 3.77
CA THR A 52 -1.47 -8.62 3.91
C THR A 52 -2.01 -8.48 5.33
N PRO A 53 -2.25 -7.24 5.77
CA PRO A 53 -2.83 -7.02 7.09
C PRO A 53 -4.20 -7.67 7.20
N GLU A 54 -4.91 -7.65 6.08
CA GLU A 54 -6.25 -8.20 6.00
C GLU A 54 -6.24 -9.71 6.17
N GLY A 55 -5.26 -10.36 5.55
CA GLY A 55 -5.11 -11.80 5.66
C GLY A 55 -4.92 -12.24 7.10
N PHE A 56 -4.14 -11.46 7.86
CA PHE A 56 -3.88 -11.72 9.27
C PHE A 56 -5.15 -11.56 10.09
N ASP A 57 -5.96 -10.56 9.75
CA ASP A 57 -7.20 -10.32 10.47
C ASP A 57 -8.26 -11.42 10.25
N ARG A 58 -8.41 -11.91 9.02
CA ARG A 58 -9.42 -12.94 8.75
C ARG A 58 -9.02 -14.32 9.30
N ASP A 59 -7.73 -14.66 9.19
CA ASP A 59 -7.29 -15.97 9.66
C ASP A 59 -5.94 -15.85 10.36
N PRO A 60 -5.95 -15.31 11.59
CA PRO A 60 -4.72 -15.14 12.37
C PRO A 60 -4.05 -16.47 12.68
N GLU A 61 -4.84 -17.51 12.91
CA GLU A 61 -4.30 -18.82 13.23
C GLU A 61 -3.46 -19.37 12.07
N LEU A 62 -3.97 -19.26 10.85
CA LEU A 62 -3.25 -19.74 9.67
C LEU A 62 -2.00 -18.91 9.40
N VAL A 63 -2.14 -17.59 9.44
CA VAL A 63 -1.02 -16.70 9.15
C VAL A 63 0.11 -16.89 10.15
N GLN A 64 -0.25 -17.00 11.42
CA GLN A 64 0.73 -17.24 12.48
C GLN A 64 1.44 -18.57 12.26
N ALA A 65 0.67 -19.58 11.85
CA ALA A 65 1.22 -20.91 11.58
C ALA A 65 2.14 -20.89 10.36
N PHE A 66 1.79 -20.08 9.37
CA PHE A 66 2.61 -19.94 8.16
C PHE A 66 3.99 -19.39 8.50
N TYR A 67 4.03 -18.30 9.26
CA TYR A 67 5.30 -17.68 9.62
C TYR A 67 6.06 -18.52 10.65
N ASN A 68 5.33 -19.29 11.45
CA ASN A 68 5.97 -20.25 12.35
C ASN A 68 6.78 -21.26 11.55
N ALA A 69 6.20 -21.74 10.45
CA ALA A 69 6.87 -22.68 9.56
C ALA A 69 8.07 -22.04 8.89
N ARG A 70 7.90 -20.82 8.39
CA ARG A 70 9.02 -20.12 7.74
C ARG A 70 10.15 -19.87 8.72
N ARG A 71 9.80 -19.50 9.94
CA ARG A 71 10.78 -19.22 10.98
C ARG A 71 11.57 -20.49 11.34
N ARG A 72 10.86 -21.60 11.45
CA ARG A 72 11.48 -22.88 11.75
C ARG A 72 12.38 -23.37 10.59
N GLN A 73 11.89 -23.28 9.37
CA GLN A 73 12.65 -23.66 8.18
C GLN A 73 13.96 -22.88 8.05
N LEU A 74 13.90 -21.60 8.40
CA LEU A 74 15.07 -20.73 8.32
C LEU A 74 16.22 -21.22 9.18
N GLN A 75 15.89 -21.80 10.32
CA GLN A 75 16.90 -22.21 11.30
C GLN A 75 17.28 -23.69 11.21
N GLN A 76 16.97 -24.32 10.08
CA GLN A 76 17.36 -25.70 9.85
C GLN A 76 18.83 -25.78 9.50
N PRO A 77 19.50 -26.87 9.92
CA PRO A 77 20.95 -27.06 9.69
C PRO A 77 21.37 -26.92 8.23
N GLU A 78 20.55 -27.40 7.31
CA GLU A 78 20.89 -27.37 5.89
C GLU A 78 20.77 -25.98 5.27
N ILE A 79 20.21 -25.04 6.02
CA ILE A 79 20.12 -23.66 5.56
C ILE A 79 21.36 -22.85 5.97
N GLN A 80 22.11 -22.39 4.98
CA GLN A 80 23.36 -21.67 5.22
C GLN A 80 23.51 -20.51 4.24
N PRO A 81 24.22 -19.44 4.66
CA PRO A 81 24.54 -18.38 3.69
C PRO A 81 25.42 -18.93 2.57
N ASN A 82 25.19 -18.49 1.33
CA ASN A 82 25.99 -18.98 0.22
C ASN A 82 27.11 -18.01 -0.13
N ALA A 83 27.85 -18.29 -1.20
CA ALA A 83 29.01 -17.50 -1.58
C ALA A 83 28.68 -16.03 -1.84
N ALA A 84 27.48 -15.76 -2.32
CA ALA A 84 27.06 -14.39 -2.57
C ALA A 84 26.91 -13.60 -1.27
N HIS A 85 26.33 -14.24 -0.25
CA HIS A 85 26.21 -13.61 1.06
C HIS A 85 27.60 -13.29 1.62
N LEU A 86 28.51 -14.26 1.49
CA LEU A 86 29.85 -14.12 2.04
C LEU A 86 30.62 -12.98 1.37
N ALA A 87 30.45 -12.86 0.06
CA ALA A 87 31.12 -11.81 -0.70
C ALA A 87 30.69 -10.42 -0.24
N LEU A 88 29.42 -10.26 0.10
CA LEU A 88 28.92 -8.97 0.58
C LEU A 88 29.51 -8.62 1.95
N ALA A 89 29.75 -9.63 2.77
CA ALA A 89 30.38 -9.40 4.08
C ALA A 89 31.80 -8.89 3.88
N LYS A 90 32.52 -9.45 2.91
CA LYS A 90 33.85 -8.98 2.59
C LYS A 90 33.84 -7.55 2.06
N LEU A 91 32.80 -7.21 1.31
CA LEU A 91 32.69 -5.87 0.76
C LEU A 91 32.53 -4.84 1.87
N GLN A 92 31.74 -5.17 2.89
CA GLN A 92 31.56 -4.25 4.02
C GLN A 92 32.86 -4.10 4.82
N ASP A 93 33.59 -5.20 5.00
CA ASP A 93 34.87 -5.15 5.71
C ASP A 93 35.84 -4.17 5.04
N ALA A 94 35.88 -4.20 3.71
CA ALA A 94 36.78 -3.36 2.94
C ALA A 94 36.36 -1.89 2.92
N LEU A 95 35.05 -1.64 2.87
CA LEU A 95 34.53 -0.29 2.71
C LEU A 95 34.13 0.36 4.03
N GLY A 96 33.78 -0.48 5.00
CA GLY A 96 33.38 -0.01 6.32
C GLY A 96 32.17 0.89 6.30
N ASP A 97 32.38 2.16 6.68
CA ASP A 97 31.29 3.12 6.80
C ASP A 97 30.73 3.60 5.46
N ARG A 98 31.50 3.42 4.39
CA ARG A 98 31.05 3.85 3.07
C ARG A 98 30.21 2.78 2.38
N PHE A 99 29.84 1.74 3.14
CA PHE A 99 29.03 0.64 2.64
C PHE A 99 27.71 0.56 3.40
N LEU A 100 26.62 0.37 2.68
CA LEU A 100 25.32 0.13 3.33
C LEU A 100 24.56 -1.00 2.63
N LEU A 101 24.06 -1.94 3.42
CA LEU A 101 23.29 -3.05 2.87
C LEU A 101 21.82 -2.96 3.23
N VAL A 102 20.98 -2.88 2.21
CA VAL A 102 19.54 -2.88 2.38
C VAL A 102 18.98 -4.15 1.78
N THR A 103 18.11 -4.86 2.51
CA THR A 103 17.56 -6.10 1.97
C THR A 103 16.04 -6.14 2.07
N GLN A 104 15.41 -6.76 1.07
CA GLN A 104 13.98 -6.99 1.06
C GLN A 104 13.68 -8.31 1.74
N ASN A 105 14.74 -9.03 2.08
CA ASN A 105 14.61 -10.37 2.67
C ASN A 105 14.37 -10.34 4.16
N CYS A 106 13.59 -11.29 4.65
N CYS A 106 13.57 -11.28 4.65
CA CYS A 106 13.30 -11.38 6.07
CA CYS A 106 13.29 -11.37 6.08
C CYS A 106 14.19 -12.42 6.75
C CYS A 106 14.16 -12.45 6.75
N ASP A 107 15.00 -13.11 5.95
CA ASP A 107 15.94 -14.10 6.49
C ASP A 107 17.11 -13.40 7.18
N ASN A 108 17.93 -14.19 7.88
CA ASN A 108 19.08 -13.64 8.59
C ASN A 108 20.42 -14.08 8.00
N LEU A 109 20.42 -14.41 6.71
CA LEU A 109 21.62 -14.95 6.07
C LEU A 109 22.72 -13.90 5.91
N HIS A 110 22.33 -12.64 5.77
CA HIS A 110 23.30 -11.56 5.70
C HIS A 110 24.02 -11.43 7.03
N GLU A 111 23.26 -11.54 8.11
CA GLU A 111 23.81 -11.47 9.45
C GLU A 111 24.74 -12.64 9.74
N ARG A 112 24.32 -13.84 9.33
CA ARG A 112 25.12 -15.03 9.53
C ARG A 112 26.41 -14.98 8.72
N ALA A 113 26.37 -14.29 7.58
CA ALA A 113 27.52 -14.17 6.70
C ALA A 113 28.58 -13.22 7.28
N GLY A 114 28.14 -12.28 8.11
CA GLY A 114 29.07 -11.36 8.75
C GLY A 114 28.75 -9.89 8.54
N ASN A 115 27.67 -9.60 7.81
CA ASN A 115 27.25 -8.22 7.63
C ASN A 115 26.63 -7.64 8.88
N THR A 116 26.86 -6.35 9.11
CA THR A 116 26.28 -5.64 10.25
C THR A 116 25.55 -4.39 9.78
N ASN A 117 24.64 -3.88 10.62
CA ASN A 117 23.83 -2.70 10.28
C ASN A 117 23.02 -2.91 9.00
N VAL A 118 22.54 -4.13 8.81
CA VAL A 118 21.71 -4.43 7.65
C VAL A 118 20.33 -3.83 7.85
N ILE A 119 19.87 -3.08 6.86
CA ILE A 119 18.53 -2.52 6.93
C ILE A 119 17.53 -3.49 6.32
N HIS A 120 16.71 -4.09 7.17
CA HIS A 120 15.64 -4.97 6.70
C HIS A 120 14.39 -4.16 6.43
N MET A 121 14.24 -3.69 5.20
CA MET A 121 13.13 -2.78 4.88
C MET A 121 11.77 -3.48 4.93
N HIS A 122 11.79 -4.81 4.86
CA HIS A 122 10.55 -5.58 4.94
C HIS A 122 10.49 -6.42 6.22
N GLY A 123 11.33 -6.09 7.18
CA GLY A 123 11.29 -6.76 8.48
C GLY A 123 12.08 -8.05 8.53
N GLU A 124 11.94 -8.76 9.64
CA GLU A 124 12.73 -9.98 9.89
C GLU A 124 11.86 -11.12 10.40
N LEU A 125 12.13 -12.32 9.92
CA LEU A 125 11.42 -13.52 10.34
C LEU A 125 11.70 -13.85 11.80
N LEU A 126 12.92 -13.57 12.25
CA LEU A 126 13.34 -13.90 13.60
C LEU A 126 13.01 -12.78 14.59
N LYS A 127 11.99 -12.00 14.26
CA LYS A 127 11.51 -10.96 15.14
C LYS A 127 9.98 -10.97 15.14
N VAL A 128 9.39 -10.61 16.27
CA VAL A 128 7.94 -10.41 16.36
C VAL A 128 7.69 -8.98 16.78
N ARG A 129 6.42 -8.58 16.78
CA ARG A 129 6.09 -7.19 17.09
C ARG A 129 4.84 -7.10 17.94
N CYS A 130 4.88 -6.22 18.94
CA CYS A 130 3.72 -6.00 19.79
C CYS A 130 2.63 -5.30 19.01
N SER A 131 1.42 -5.83 19.06
CA SER A 131 0.30 -5.27 18.32
C SER A 131 -0.22 -3.98 18.96
N GLN A 132 0.33 -3.59 20.11
CA GLN A 132 -0.09 -2.37 20.77
C GLN A 132 0.95 -1.25 20.73
N SER A 133 2.20 -1.59 21.03
CA SER A 133 3.27 -0.61 21.04
C SER A 133 3.98 -0.50 19.70
N GLY A 134 3.95 -1.58 18.92
CA GLY A 134 4.63 -1.61 17.62
C GLY A 134 6.09 -1.93 17.81
N GLN A 135 6.46 -2.29 19.04
CA GLN A 135 7.83 -2.60 19.42
C GLN A 135 8.26 -3.96 18.89
N ALA A 136 9.43 -4.02 18.25
CA ALA A 136 9.96 -5.27 17.72
C ALA A 136 10.62 -6.09 18.84
N LEU A 137 10.64 -7.41 18.66
CA LEU A 137 11.14 -8.31 19.69
C LEU A 137 11.79 -9.54 19.07
N ASP A 138 13.02 -9.85 19.48
CA ASP A 138 13.72 -11.04 19.00
C ASP A 138 12.93 -12.29 19.36
N TRP A 139 12.80 -13.20 18.40
CA TRP A 139 11.93 -14.36 18.56
C TRP A 139 12.34 -15.47 17.60
N THR A 140 12.65 -16.64 18.14
CA THR A 140 13.14 -17.75 17.33
C THR A 140 12.18 -18.94 17.31
N GLY A 141 11.22 -18.95 18.23
CA GLY A 141 10.30 -20.06 18.35
C GLY A 141 8.94 -19.79 17.72
N ASP A 142 7.99 -20.69 17.95
CA ASP A 142 6.63 -20.51 17.46
C ASP A 142 5.94 -19.36 18.19
N VAL A 143 5.00 -18.71 17.50
CA VAL A 143 4.13 -17.74 18.16
C VAL A 143 2.76 -18.37 18.41
N THR A 144 2.49 -18.68 19.67
CA THR A 144 1.22 -19.25 20.10
C THR A 144 0.31 -18.14 20.60
N PRO A 145 -1.01 -18.40 20.64
CA PRO A 145 -1.95 -17.41 21.20
C PRO A 145 -1.65 -17.02 22.64
N GLU A 146 -0.86 -17.84 23.34
CA GLU A 146 -0.56 -17.55 24.74
C GLU A 146 0.75 -16.78 24.88
N ASP A 147 1.41 -16.52 23.76
CA ASP A 147 2.54 -15.61 23.73
C ASP A 147 2.10 -14.15 23.62
N LYS A 148 2.57 -13.34 24.55
CA LYS A 148 2.25 -11.91 24.57
C LYS A 148 3.53 -11.07 24.59
N CYS A 149 3.36 -9.76 24.50
CA CYS A 149 4.49 -8.83 24.48
C CYS A 149 5.18 -8.67 25.83
N HIS A 150 6.35 -8.05 25.84
CA HIS A 150 7.07 -7.77 27.07
C HIS A 150 7.28 -6.28 27.24
N CYS A 151 6.48 -5.46 26.55
CA CYS A 151 6.66 -4.02 26.58
C CYS A 151 5.46 -3.27 27.12
N CYS A 152 4.37 -4.00 27.37
CA CYS A 152 3.13 -3.37 27.81
C CYS A 152 2.71 -3.86 29.19
N GLN A 153 2.23 -2.94 30.02
CA GLN A 153 1.65 -3.29 31.32
C GLN A 153 0.60 -4.38 31.15
N PHE A 154 -0.27 -4.21 30.16
CA PHE A 154 -1.28 -5.21 29.81
C PHE A 154 -0.87 -5.94 28.53
N PRO A 155 -0.13 -7.05 28.67
CA PRO A 155 0.45 -7.82 27.55
C PRO A 155 -0.47 -8.00 26.35
N ALA A 156 0.00 -7.55 25.19
CA ALA A 156 -0.77 -7.58 23.95
C ALA A 156 -0.38 -8.77 23.06
N PRO A 157 -1.26 -9.17 22.12
CA PRO A 157 -0.91 -10.22 21.16
C PRO A 157 0.27 -9.85 20.27
N LEU A 158 0.96 -10.86 19.75
CA LEU A 158 2.12 -10.65 18.90
C LEU A 158 1.82 -10.94 17.42
N ARG A 159 2.46 -10.18 16.54
CA ARG A 159 2.40 -10.45 15.10
C ARG A 159 3.82 -10.58 14.56
N PRO A 160 3.99 -11.25 13.41
CA PRO A 160 5.32 -11.30 12.80
C PRO A 160 5.84 -9.89 12.47
N HIS A 161 7.13 -9.67 12.69
CA HIS A 161 7.76 -8.40 12.37
C HIS A 161 8.14 -8.37 10.89
N VAL A 162 7.16 -8.64 10.04
CA VAL A 162 7.34 -8.67 8.59
C VAL A 162 6.44 -7.59 7.98
N VAL A 163 6.99 -6.79 7.08
CA VAL A 163 6.21 -5.75 6.42
C VAL A 163 5.32 -6.37 5.34
N TRP A 164 4.02 -6.27 5.53
CA TRP A 164 3.08 -6.86 4.58
C TRP A 164 2.73 -5.87 3.46
N PHE A 165 2.24 -6.39 2.34
CA PHE A 165 1.80 -5.53 1.25
C PHE A 165 0.68 -4.64 1.74
N GLY A 166 0.86 -3.33 1.56
CA GLY A 166 -0.10 -2.35 2.05
C GLY A 166 0.44 -1.61 3.25
N GLU A 167 1.57 -2.10 3.78
CA GLU A 167 2.20 -1.46 4.93
C GLU A 167 3.46 -0.70 4.50
N MET A 168 3.89 0.24 5.33
CA MET A 168 5.07 1.05 5.03
C MET A 168 6.36 0.32 5.35
N PRO A 169 7.29 0.28 4.39
CA PRO A 169 8.59 -0.37 4.62
C PRO A 169 9.37 0.34 5.71
N LEU A 170 10.39 -0.34 6.24
CA LEU A 170 11.18 0.18 7.35
C LEU A 170 12.47 0.83 6.88
N GLY A 171 12.89 1.87 7.60
CA GLY A 171 14.16 2.53 7.38
C GLY A 171 14.26 3.34 6.09
N MET A 172 13.11 3.75 5.57
CA MET A 172 13.04 4.43 4.28
C MET A 172 13.84 5.73 4.24
N ASP A 173 13.83 6.47 5.34
CA ASP A 173 14.57 7.73 5.42
C ASP A 173 16.08 7.51 5.27
N GLU A 174 16.60 6.50 5.96
CA GLU A 174 18.02 6.17 5.87
C GLU A 174 18.35 5.70 4.46
N ILE A 175 17.46 4.92 3.88
CA ILE A 175 17.68 4.36 2.54
C ILE A 175 17.77 5.45 1.47
N TYR A 176 16.81 6.38 1.49
CA TYR A 176 16.79 7.43 0.47
C TYR A 176 17.97 8.39 0.62
N MET A 177 18.45 8.54 1.84
CA MET A 177 19.64 9.37 2.04
C MET A 177 20.86 8.72 1.42
N ALA A 178 21.00 7.41 1.63
CA ALA A 178 22.11 6.65 1.05
C ALA A 178 22.01 6.60 -0.46
N LEU A 179 20.80 6.56 -0.99
CA LEU A 179 20.58 6.55 -2.43
C LEU A 179 21.11 7.81 -3.09
N SER A 180 20.96 8.94 -2.39
CA SER A 180 21.44 10.22 -2.91
C SER A 180 22.95 10.36 -2.78
N MET A 181 23.53 9.61 -1.84
CA MET A 181 24.96 9.70 -1.56
C MET A 181 25.79 8.63 -2.28
N ALA A 182 25.14 7.57 -2.74
CA ALA A 182 25.83 6.42 -3.30
C ALA A 182 26.61 6.75 -4.58
N ASP A 183 27.86 6.30 -4.64
CA ASP A 183 28.64 6.37 -5.87
C ASP A 183 28.29 5.17 -6.75
N ILE A 184 28.07 4.03 -6.10
CA ILE A 184 27.67 2.81 -6.79
C ILE A 184 26.44 2.19 -6.11
N PHE A 185 25.42 1.90 -6.91
CA PHE A 185 24.24 1.21 -6.42
C PHE A 185 24.15 -0.17 -7.06
N ILE A 186 24.07 -1.21 -6.22
CA ILE A 186 24.03 -2.60 -6.71
C ILE A 186 22.77 -3.31 -6.25
N ALA A 187 21.95 -3.72 -7.20
CA ALA A 187 20.75 -4.50 -6.90
C ALA A 187 21.01 -5.98 -7.19
N ILE A 188 20.82 -6.82 -6.17
CA ILE A 188 21.14 -8.24 -6.29
C ILE A 188 19.94 -9.13 -6.02
N GLY A 189 19.56 -9.95 -7.00
CA GLY A 189 18.48 -10.89 -6.84
C GLY A 189 17.11 -10.24 -6.65
N THR A 190 16.90 -9.06 -7.23
CA THR A 190 15.61 -8.37 -7.13
C THR A 190 14.74 -8.65 -8.36
N SER A 191 13.45 -8.82 -8.14
CA SER A 191 12.51 -9.17 -9.21
C SER A 191 12.06 -7.94 -10.00
N GLY A 192 11.99 -6.80 -9.34
CA GLY A 192 11.54 -5.57 -9.99
C GLY A 192 10.03 -5.41 -9.96
N HIS A 193 9.36 -6.29 -9.23
CA HIS A 193 7.90 -6.24 -9.10
C HIS A 193 7.45 -5.56 -7.82
N VAL A 194 8.35 -5.50 -6.84
CA VAL A 194 8.00 -4.99 -5.51
C VAL A 194 8.47 -3.54 -5.33
N TYR A 195 7.51 -2.64 -5.16
CA TYR A 195 7.80 -1.24 -4.91
C TYR A 195 7.60 -0.92 -3.43
N PRO A 196 8.27 0.13 -2.92
CA PRO A 196 9.14 1.09 -3.62
C PRO A 196 10.55 0.55 -3.92
N ALA A 197 10.89 -0.64 -3.47
CA ALA A 197 12.24 -1.18 -3.64
C ALA A 197 12.68 -1.16 -5.10
N ALA A 198 11.77 -1.53 -5.99
CA ALA A 198 12.09 -1.61 -7.43
C ALA A 198 12.39 -0.24 -8.04
N GLY A 199 12.01 0.82 -7.35
CA GLY A 199 12.23 2.16 -7.84
C GLY A 199 13.54 2.78 -7.36
N PHE A 200 14.27 2.05 -6.53
CA PHE A 200 15.51 2.58 -5.94
C PHE A 200 16.55 2.88 -7.01
N VAL A 201 16.60 2.05 -8.05
CA VAL A 201 17.59 2.23 -9.10
C VAL A 201 17.38 3.58 -9.80
N HIS A 202 16.12 4.00 -9.92
CA HIS A 202 15.83 5.29 -10.56
C HIS A 202 16.32 6.45 -9.68
N GLU A 203 16.15 6.33 -8.36
CA GLU A 203 16.68 7.32 -7.42
C GLU A 203 18.19 7.44 -7.50
N ALA A 204 18.87 6.30 -7.48
CA ALA A 204 20.32 6.27 -7.49
C ALA A 204 20.86 6.93 -8.76
N LYS A 205 20.22 6.62 -9.88
CA LYS A 205 20.68 7.12 -11.16
C LYS A 205 20.40 8.62 -11.27
N LEU A 206 19.35 9.08 -10.62
CA LEU A 206 19.02 10.50 -10.58
C LEU A 206 20.09 11.33 -9.87
N HIS A 207 20.73 10.72 -8.87
CA HIS A 207 21.73 11.42 -8.07
C HIS A 207 23.15 11.13 -8.53
N GLY A 208 23.27 10.53 -9.71
CA GLY A 208 24.55 10.33 -10.36
C GLY A 208 25.30 9.06 -10.01
N ALA A 209 24.60 8.11 -9.40
CA ALA A 209 25.24 6.85 -9.02
C ALA A 209 25.41 5.93 -10.22
N HIS A 210 26.47 5.12 -10.18
CA HIS A 210 26.66 4.06 -11.16
C HIS A 210 25.84 2.85 -10.73
N THR A 211 24.90 2.43 -11.58
CA THR A 211 23.96 1.37 -11.20
C THR A 211 24.37 0.01 -11.76
N VAL A 212 24.32 -1.01 -10.91
CA VAL A 212 24.73 -2.36 -11.29
C VAL A 212 23.66 -3.37 -10.90
N GLU A 213 23.30 -4.25 -11.83
CA GLU A 213 22.36 -5.32 -11.52
C GLU A 213 23.05 -6.69 -11.58
N LEU A 214 22.92 -7.45 -10.50
CA LEU A 214 23.41 -8.82 -10.44
C LEU A 214 22.23 -9.75 -10.15
N ASN A 215 21.88 -10.59 -11.11
CA ASN A 215 20.66 -11.37 -10.98
C ASN A 215 20.70 -12.69 -11.75
N LEU A 216 19.87 -13.64 -11.34
CA LEU A 216 19.73 -14.89 -12.07
C LEU A 216 18.99 -14.63 -13.38
N GLU A 217 18.02 -13.73 -13.32
CA GLU A 217 17.27 -13.29 -14.48
C GLU A 217 17.08 -11.78 -14.43
N PRO A 218 17.01 -11.13 -15.61
CA PRO A 218 16.85 -9.67 -15.65
C PRO A 218 15.57 -9.21 -14.96
N SER A 219 15.72 -8.28 -14.01
CA SER A 219 14.58 -7.66 -13.33
C SER A 219 13.73 -6.85 -14.30
N GLN A 220 12.53 -6.48 -13.86
CA GLN A 220 11.57 -5.83 -14.74
C GLN A 220 11.93 -4.37 -14.90
N VAL A 221 13.02 -3.96 -14.28
CA VAL A 221 13.62 -2.65 -14.49
C VAL A 221 15.11 -2.75 -14.88
N GLY A 222 15.52 -3.90 -15.40
CA GLY A 222 16.93 -4.13 -15.71
C GLY A 222 17.54 -3.15 -16.71
N ASN A 223 16.70 -2.55 -17.54
CA ASN A 223 17.17 -1.63 -18.57
C ASN A 223 17.58 -0.25 -18.03
N GLU A 224 17.41 -0.06 -16.72
CA GLU A 224 17.70 1.22 -16.08
C GLU A 224 19.09 1.16 -15.49
N PHE A 225 19.61 -0.05 -15.39
CA PHE A 225 20.94 -0.29 -14.86
C PHE A 225 22.00 -0.07 -15.92
N ALA A 226 23.10 0.57 -15.55
CA ALA A 226 24.18 0.85 -16.50
C ALA A 226 25.03 -0.39 -16.75
N GLU A 227 25.19 -1.20 -15.71
CA GLU A 227 26.02 -2.40 -15.78
C GLU A 227 25.25 -3.60 -15.24
N LYS A 228 25.32 -4.73 -15.93
CA LYS A 228 24.57 -5.91 -15.50
C LYS A 228 25.27 -7.22 -15.80
N TYR A 229 25.11 -8.19 -14.91
CA TYR A 229 25.64 -9.53 -15.09
C TYR A 229 24.63 -10.55 -14.60
N TYR A 230 24.43 -11.61 -15.38
CA TYR A 230 23.40 -12.58 -15.06
C TYR A 230 23.95 -14.00 -14.93
N GLY A 231 23.32 -14.77 -14.06
CA GLY A 231 23.76 -16.12 -13.74
C GLY A 231 23.50 -16.40 -12.27
N PRO A 232 23.89 -17.59 -11.79
CA PRO A 232 23.69 -17.96 -10.39
C PRO A 232 24.36 -16.96 -9.46
N ALA A 233 23.66 -16.57 -8.40
CA ALA A 233 24.16 -15.54 -7.48
C ALA A 233 25.50 -15.91 -6.86
N SER A 234 25.64 -17.18 -6.47
CA SER A 234 26.84 -17.66 -5.80
C SER A 234 28.08 -17.59 -6.68
N GLN A 235 27.88 -17.37 -7.98
CA GLN A 235 29.01 -17.26 -8.90
C GLN A 235 29.18 -15.83 -9.41
N VAL A 236 28.06 -15.17 -9.70
CA VAL A 236 28.09 -13.81 -10.25
C VAL A 236 28.49 -12.76 -9.21
N VAL A 237 27.91 -12.86 -8.02
CA VAL A 237 28.18 -11.85 -6.98
C VAL A 237 29.64 -11.91 -6.48
N PRO A 238 30.15 -13.11 -6.13
CA PRO A 238 31.54 -13.08 -5.68
C PRO A 238 32.51 -12.60 -6.77
N GLU A 239 32.20 -12.87 -8.03
CA GLU A 239 33.12 -12.45 -9.10
C GLU A 239 33.03 -10.94 -9.33
N PHE A 240 31.85 -10.34 -9.17
CA PHE A 240 31.76 -8.89 -9.29
C PHE A 240 32.41 -8.20 -8.09
N VAL A 241 32.19 -8.75 -6.91
CA VAL A 241 32.76 -8.17 -5.70
C VAL A 241 34.30 -8.17 -5.76
N GLU A 242 34.89 -9.24 -6.26
CA GLU A 242 36.35 -9.31 -6.30
C GLU A 242 36.98 -8.29 -7.26
N LYS A 243 36.41 -8.10 -8.45
CA LYS A 243 36.89 -7.03 -9.33
C LYS A 243 36.88 -5.70 -8.61
N LEU A 244 35.78 -5.44 -7.93
CA LEU A 244 35.59 -4.20 -7.19
C LEU A 244 36.64 -4.02 -6.12
N LEU A 245 36.90 -5.09 -5.37
CA LEU A 245 37.93 -5.04 -4.33
C LEU A 245 39.30 -4.88 -4.96
N LYS A 246 39.52 -5.52 -6.11
CA LYS A 246 40.78 -5.39 -6.83
C LYS A 246 40.92 -4.04 -7.52
N GLY A 247 39.80 -3.43 -7.87
CA GLY A 247 39.82 -2.11 -8.48
C GLY A 247 40.17 -1.07 -7.43
N LEU A 248 39.87 -1.40 -6.17
CA LEU A 248 40.24 -0.55 -5.05
C LEU A 248 41.74 -0.66 -4.79
N LYS A 249 42.29 -1.81 -5.15
CA LYS A 249 43.73 -2.07 -5.02
C LYS A 249 44.14 -2.15 -3.55
N LYS B 15 -29.58 12.18 20.32
CA LYS B 15 -29.51 11.61 18.98
C LYS B 15 -28.20 10.85 18.76
N PRO B 16 -28.27 9.74 18.00
CA PRO B 16 -27.11 8.88 17.77
C PRO B 16 -26.07 9.50 16.85
N ARG B 17 -24.81 9.19 17.11
CA ARG B 17 -23.73 9.57 16.21
C ARG B 17 -23.72 8.63 15.02
N VAL B 18 -23.85 9.20 13.82
CA VAL B 18 -23.92 8.38 12.62
C VAL B 18 -22.75 8.65 11.69
N LEU B 19 -22.03 7.59 11.34
CA LEU B 19 -20.96 7.68 10.36
C LEU B 19 -21.34 6.97 9.08
N VAL B 20 -21.28 7.69 7.97
CA VAL B 20 -21.63 7.11 6.67
C VAL B 20 -20.39 7.01 5.80
N LEU B 21 -20.19 5.82 5.23
CA LEU B 21 -19.15 5.57 4.25
C LEU B 21 -19.81 5.32 2.89
N THR B 22 -19.43 6.07 1.86
CA THR B 22 -19.98 5.84 0.53
C THR B 22 -18.90 5.43 -0.47
N GLY B 23 -19.28 4.54 -1.38
CA GLY B 23 -18.38 4.10 -2.43
C GLY B 23 -18.96 4.40 -3.81
N ALA B 24 -18.35 3.82 -4.85
CA ALA B 24 -18.69 4.15 -6.23
C ALA B 24 -20.15 3.83 -6.58
N GLY B 25 -20.74 2.88 -5.87
CA GLY B 25 -22.10 2.46 -6.14
C GLY B 25 -23.14 3.55 -6.04
N ILE B 26 -22.93 4.52 -5.16
CA ILE B 26 -23.92 5.57 -4.98
C ILE B 26 -23.92 6.55 -6.15
N SER B 27 -22.79 6.67 -6.85
CA SER B 27 -22.70 7.60 -7.97
C SER B 27 -22.85 6.91 -9.33
N ALA B 28 -23.03 5.59 -9.29
CA ALA B 28 -23.18 4.81 -10.52
C ALA B 28 -24.43 5.24 -11.27
N GLU B 29 -25.52 5.47 -10.55
CA GLU B 29 -26.77 5.87 -11.17
C GLU B 29 -26.67 7.27 -11.78
N SER B 30 -25.71 8.05 -11.29
CA SER B 30 -25.49 9.41 -11.80
C SER B 30 -24.66 9.43 -13.08
N GLY B 31 -24.10 8.29 -13.46
CA GLY B 31 -23.33 8.20 -14.69
C GLY B 31 -21.83 8.21 -14.47
N ILE B 32 -21.42 8.09 -13.20
CA ILE B 32 -20.00 8.02 -12.87
C ILE B 32 -19.57 6.57 -12.83
N ARG B 33 -18.65 6.19 -13.72
CA ARG B 33 -18.23 4.79 -13.78
C ARG B 33 -16.94 4.57 -13.00
N THR B 34 -16.67 3.30 -12.71
CA THR B 34 -15.50 2.93 -11.92
C THR B 34 -14.92 1.62 -12.43
N PHE B 35 -13.99 1.05 -11.68
CA PHE B 35 -13.37 -0.21 -12.04
C PHE B 35 -14.48 -1.26 -12.09
N ARG B 36 -14.75 -1.82 -13.26
CA ARG B 36 -15.88 -2.74 -13.41
C ARG B 36 -15.60 -4.11 -12.81
N ALA B 37 -16.66 -4.79 -12.41
CA ALA B 37 -16.55 -6.12 -11.81
C ALA B 37 -16.09 -7.15 -12.82
N ALA B 38 -16.54 -7.00 -14.07
CA ALA B 38 -16.31 -7.98 -15.11
C ALA B 38 -14.82 -8.22 -15.39
N ASP B 39 -14.04 -7.15 -15.50
CA ASP B 39 -12.62 -7.28 -15.84
C ASP B 39 -11.72 -6.34 -15.03
N GLY B 40 -12.33 -5.47 -14.24
CA GLY B 40 -11.56 -4.54 -13.43
C GLY B 40 -11.09 -3.31 -14.19
N LEU B 41 -11.58 -3.12 -15.40
CA LEU B 41 -11.18 -1.99 -16.22
C LEU B 41 -11.95 -0.71 -15.88
N TRP B 42 -11.23 0.40 -15.83
CA TRP B 42 -11.84 1.70 -15.57
C TRP B 42 -11.75 2.54 -16.85
N GLU B 43 -12.90 2.73 -17.51
CA GLU B 43 -12.93 3.40 -18.81
C GLU B 43 -11.97 2.70 -19.76
N GLU B 44 -12.01 1.37 -19.72
CA GLU B 44 -11.16 0.50 -20.54
C GLU B 44 -9.67 0.68 -20.26
N HIS B 45 -9.33 1.16 -19.08
CA HIS B 45 -7.93 1.29 -18.65
C HIS B 45 -7.65 0.35 -17.48
N ARG B 46 -6.46 -0.22 -17.47
CA ARG B 46 -6.03 -1.07 -16.36
C ARG B 46 -5.71 -0.20 -15.16
N VAL B 47 -6.02 -0.70 -13.96
CA VAL B 47 -5.77 0.03 -12.72
C VAL B 47 -4.31 0.38 -12.57
N GLU B 48 -3.45 -0.56 -12.96
CA GLU B 48 -2.01 -0.40 -12.79
C GLU B 48 -1.50 0.81 -13.56
N ASP B 49 -2.12 1.09 -14.70
CA ASP B 49 -1.69 2.18 -15.57
C ASP B 49 -2.19 3.57 -15.17
N VAL B 50 -3.39 3.64 -14.59
CA VAL B 50 -3.96 4.95 -14.27
C VAL B 50 -4.28 5.16 -12.80
N GLY B 51 -4.08 4.13 -11.98
CA GLY B 51 -4.42 4.20 -10.57
C GLY B 51 -3.30 3.86 -9.60
N THR B 52 -2.05 3.97 -10.05
CA THR B 52 -0.89 3.68 -9.21
C THR B 52 0.18 4.76 -9.38
N PRO B 53 1.05 4.93 -8.37
CA PRO B 53 2.16 5.87 -8.51
C PRO B 53 3.07 5.48 -9.67
N GLU B 54 3.20 4.17 -9.88
CA GLU B 54 4.05 3.63 -10.92
C GLU B 54 3.53 3.99 -12.31
N GLY B 55 2.22 3.88 -12.49
CA GLY B 55 1.60 4.24 -13.76
C GLY B 55 1.87 5.68 -14.11
N PHE B 56 1.77 6.55 -13.10
CA PHE B 56 2.02 7.97 -13.28
C PHE B 56 3.47 8.23 -13.65
N ASP B 57 4.37 7.48 -13.04
CA ASP B 57 5.80 7.61 -13.32
C ASP B 57 6.15 7.13 -14.74
N ARG B 58 5.54 6.04 -15.19
CA ARG B 58 5.84 5.50 -16.52
C ARG B 58 5.28 6.35 -17.65
N ASP B 59 4.06 6.84 -17.50
CA ASP B 59 3.43 7.65 -18.55
C ASP B 59 2.58 8.76 -17.94
N PRO B 60 3.23 9.83 -17.45
CA PRO B 60 2.53 10.95 -16.81
C PRO B 60 1.58 11.68 -17.74
N GLU B 61 1.92 11.78 -19.02
CA GLU B 61 1.07 12.47 -19.99
C GLU B 61 -0.27 11.76 -20.14
N LEU B 62 -0.24 10.43 -20.22
CA LEU B 62 -1.46 9.65 -20.36
C LEU B 62 -2.29 9.72 -19.09
N VAL B 63 -1.64 9.57 -17.95
CA VAL B 63 -2.34 9.59 -16.66
C VAL B 63 -2.99 10.95 -16.44
N GLN B 64 -2.26 12.02 -16.78
CA GLN B 64 -2.79 13.37 -16.68
C GLN B 64 -4.01 13.55 -17.58
N ALA B 65 -3.90 13.01 -18.80
CA ALA B 65 -4.99 13.09 -19.77
C ALA B 65 -6.19 12.28 -19.33
N PHE B 66 -5.94 11.14 -18.67
CA PHE B 66 -7.03 10.29 -18.19
C PHE B 66 -7.87 11.05 -17.16
N TYR B 67 -7.21 11.65 -16.18
CA TYR B 67 -7.92 12.39 -15.15
C TYR B 67 -8.48 13.71 -15.66
N ASN B 68 -7.86 14.28 -16.69
CA ASN B 68 -8.41 15.43 -17.37
C ASN B 68 -9.79 15.08 -17.96
N ALA B 69 -9.87 13.90 -18.55
CA ALA B 69 -11.12 13.40 -19.12
C ALA B 69 -12.15 13.18 -18.02
N ARG B 70 -11.74 12.55 -16.92
CA ARG B 70 -12.65 12.30 -15.81
C ARG B 70 -13.17 13.60 -15.22
N ARG B 71 -12.28 14.58 -15.09
CA ARG B 71 -12.64 15.89 -14.54
C ARG B 71 -13.65 16.61 -15.41
N ARG B 72 -13.44 16.56 -16.73
CA ARG B 72 -14.36 17.18 -17.68
C ARG B 72 -15.72 16.48 -17.67
N GLN B 73 -15.69 15.15 -17.70
CA GLN B 73 -16.91 14.34 -17.66
C GLN B 73 -17.75 14.64 -16.43
N LEU B 74 -17.08 14.87 -15.30
CA LEU B 74 -17.74 15.14 -14.03
C LEU B 74 -18.62 16.39 -14.11
N GLN B 75 -18.16 17.38 -14.87
CA GLN B 75 -18.83 18.67 -14.93
C GLN B 75 -19.77 18.80 -16.12
N GLN B 76 -20.11 17.67 -16.74
CA GLN B 76 -21.05 17.67 -17.86
C GLN B 76 -22.48 17.79 -17.36
N PRO B 77 -23.35 18.45 -18.14
CA PRO B 77 -24.75 18.70 -17.76
C PRO B 77 -25.54 17.45 -17.35
N GLU B 78 -25.29 16.32 -18.01
CA GLU B 78 -26.06 15.11 -17.71
C GLU B 78 -25.62 14.42 -16.42
N ILE B 79 -24.50 14.86 -15.84
CA ILE B 79 -24.05 14.31 -14.57
C ILE B 79 -24.61 15.12 -13.40
N GLN B 80 -25.45 14.49 -12.59
CA GLN B 80 -26.11 15.15 -11.46
C GLN B 80 -26.25 14.22 -10.26
N PRO B 81 -26.33 14.79 -9.06
CA PRO B 81 -26.61 13.99 -7.86
C PRO B 81 -27.96 13.31 -7.97
N ASN B 82 -28.05 12.06 -7.52
CA ASN B 82 -29.32 11.34 -7.55
C ASN B 82 -30.02 11.37 -6.20
N ALA B 83 -31.11 10.62 -6.08
CA ALA B 83 -31.93 10.63 -4.86
C ALA B 83 -31.15 10.19 -3.62
N ALA B 84 -30.17 9.31 -3.80
CA ALA B 84 -29.36 8.84 -2.69
C ALA B 84 -28.46 9.93 -2.14
N HIS B 85 -27.87 10.72 -3.03
CA HIS B 85 -27.03 11.84 -2.62
C HIS B 85 -27.87 12.85 -1.83
N LEU B 86 -29.06 13.14 -2.33
CA LEU B 86 -29.94 14.11 -1.70
C LEU B 86 -30.39 13.65 -0.31
N ALA B 87 -30.68 12.36 -0.18
CA ALA B 87 -31.11 11.80 1.09
C ALA B 87 -30.05 11.95 2.19
N LEU B 88 -28.78 11.77 1.82
CA LEU B 88 -27.69 11.91 2.77
C LEU B 88 -27.54 13.37 3.21
N ALA B 89 -27.81 14.29 2.30
CA ALA B 89 -27.78 15.72 2.63
C ALA B 89 -28.88 16.05 3.62
N LYS B 90 -30.05 15.44 3.42
CA LYS B 90 -31.17 15.62 4.34
C LYS B 90 -30.84 15.04 5.71
N LEU B 91 -30.09 13.93 5.71
CA LEU B 91 -29.67 13.27 6.94
C LEU B 91 -28.73 14.13 7.75
N GLN B 92 -27.81 14.81 7.08
CA GLN B 92 -26.89 15.71 7.77
C GLN B 92 -27.66 16.86 8.39
N ASP B 93 -28.67 17.34 7.66
CA ASP B 93 -29.53 18.42 8.14
C ASP B 93 -30.18 18.06 9.47
N ALA B 94 -30.67 16.83 9.56
CA ALA B 94 -31.36 16.36 10.75
C ALA B 94 -30.43 16.12 11.93
N LEU B 95 -29.23 15.62 11.66
CA LEU B 95 -28.30 15.25 12.71
C LEU B 95 -27.27 16.31 13.03
N GLY B 96 -26.95 17.14 12.03
CA GLY B 96 -25.98 18.20 12.22
C GLY B 96 -24.62 17.71 12.68
N ASP B 97 -24.29 18.03 13.92
CA ASP B 97 -22.96 17.72 14.46
C ASP B 97 -22.76 16.22 14.72
N ARG B 98 -23.84 15.45 14.84
CA ARG B 98 -23.72 14.02 15.11
C ARG B 98 -23.52 13.22 13.82
N PHE B 99 -23.30 13.91 12.71
CA PHE B 99 -23.18 13.24 11.42
C PHE B 99 -21.81 13.48 10.77
N LEU B 100 -21.22 12.41 10.23
CA LEU B 100 -20.01 12.54 9.43
C LEU B 100 -20.10 11.67 8.19
N LEU B 101 -19.77 12.26 7.04
CA LEU B 101 -19.78 11.55 5.77
C LEU B 101 -18.36 11.37 5.25
N VAL B 102 -17.95 10.12 5.10
CA VAL B 102 -16.66 9.77 4.52
C VAL B 102 -16.90 9.09 3.19
N THR B 103 -16.21 9.52 2.14
CA THR B 103 -16.44 8.92 0.82
C THR B 103 -15.14 8.48 0.16
N GLN B 104 -15.22 7.37 -0.57
CA GLN B 104 -14.11 6.86 -1.34
C GLN B 104 -14.13 7.49 -2.74
N ASN B 105 -15.19 8.24 -3.00
CA ASN B 105 -15.40 8.83 -4.32
C ASN B 105 -14.65 10.14 -4.51
N CYS B 106 -14.18 10.37 -5.73
CA CYS B 106 -13.47 11.60 -6.04
C CYS B 106 -14.39 12.63 -6.69
N ASP B 107 -15.65 12.24 -6.95
CA ASP B 107 -16.61 13.17 -7.51
C ASP B 107 -17.07 14.17 -6.46
N ASN B 108 -17.81 15.20 -6.90
CA ASN B 108 -18.30 16.24 -5.99
C ASN B 108 -19.82 16.18 -5.84
N LEU B 109 -20.40 15.01 -6.05
CA LEU B 109 -21.86 14.86 -6.05
C LEU B 109 -22.46 15.01 -4.65
N HIS B 110 -21.69 14.66 -3.62
CA HIS B 110 -22.14 14.86 -2.25
C HIS B 110 -22.24 16.37 -1.96
N GLU B 111 -21.24 17.12 -2.42
CA GLU B 111 -21.19 18.56 -2.22
C GLU B 111 -22.32 19.27 -2.97
N ARG B 112 -22.59 18.83 -4.19
CA ARG B 112 -23.66 19.41 -5.00
C ARG B 112 -25.02 19.10 -4.38
N ALA B 113 -25.12 17.97 -3.69
CA ALA B 113 -26.38 17.56 -3.07
C ALA B 113 -26.69 18.42 -1.84
N GLY B 114 -25.65 18.96 -1.21
CA GLY B 114 -25.84 19.80 -0.05
C GLY B 114 -25.08 19.38 1.18
N ASN B 115 -24.32 18.28 1.08
CA ASN B 115 -23.50 17.84 2.20
C ASN B 115 -22.29 18.75 2.37
N THR B 116 -21.88 18.95 3.62
CA THR B 116 -20.70 19.75 3.94
C THR B 116 -19.75 18.98 4.84
N ASN B 117 -18.49 19.41 4.85
CA ASN B 117 -17.45 18.75 5.64
C ASN B 117 -17.29 17.27 5.30
N VAL B 118 -17.44 16.96 4.01
CA VAL B 118 -17.25 15.61 3.52
C VAL B 118 -15.77 15.24 3.52
N ILE B 119 -15.45 14.10 4.10
CA ILE B 119 -14.07 13.61 4.08
C ILE B 119 -13.83 12.76 2.85
N HIS B 120 -13.04 13.28 1.92
CA HIS B 120 -12.65 12.54 0.73
C HIS B 120 -11.37 11.75 1.00
N MET B 121 -11.53 10.51 1.45
CA MET B 121 -10.36 9.72 1.86
C MET B 121 -9.49 9.31 0.68
N HIS B 122 -10.04 9.39 -0.53
CA HIS B 122 -9.26 9.07 -1.73
C HIS B 122 -9.06 10.30 -2.61
N GLY B 123 -9.27 11.48 -2.04
CA GLY B 123 -9.02 12.72 -2.77
C GLY B 123 -10.17 13.19 -3.63
N GLU B 124 -9.92 14.21 -4.45
CA GLU B 124 -10.97 14.83 -5.27
C GLU B 124 -10.54 15.10 -6.71
N LEU B 125 -11.43 14.84 -7.66
CA LEU B 125 -11.16 15.15 -9.06
C LEU B 125 -11.03 16.65 -9.29
N LEU B 126 -11.78 17.45 -8.54
CA LEU B 126 -11.75 18.89 -8.73
C LEU B 126 -10.64 19.55 -7.91
N LYS B 127 -9.61 18.77 -7.61
CA LYS B 127 -8.41 19.30 -6.96
C LYS B 127 -7.16 18.71 -7.59
N VAL B 128 -6.10 19.51 -7.64
CA VAL B 128 -4.79 19.02 -8.02
C VAL B 128 -3.82 19.34 -6.89
N ARG B 129 -2.63 18.76 -6.92
CA ARG B 129 -1.67 19.02 -5.87
C ARG B 129 -0.23 18.99 -6.37
N CYS B 130 0.61 19.84 -5.77
CA CYS B 130 2.01 19.94 -6.13
C CYS B 130 2.73 18.63 -5.84
N SER B 131 3.48 18.15 -6.82
CA SER B 131 4.16 16.86 -6.71
C SER B 131 5.36 16.88 -5.77
N GLN B 132 5.80 18.06 -5.36
CA GLN B 132 6.91 18.16 -4.42
C GLN B 132 6.47 18.66 -3.03
N SER B 133 5.61 19.68 -2.99
CA SER B 133 5.17 20.22 -1.71
C SER B 133 3.94 19.48 -1.15
N GLY B 134 3.14 18.91 -2.05
CA GLY B 134 1.97 18.16 -1.64
C GLY B 134 0.74 18.99 -1.30
N GLN B 135 0.81 20.29 -1.56
CA GLN B 135 -0.34 21.14 -1.26
C GLN B 135 -1.46 20.95 -2.27
N ALA B 136 -2.68 20.78 -1.76
CA ALA B 136 -3.85 20.61 -2.61
C ALA B 136 -4.30 21.96 -3.16
N LEU B 137 -4.94 21.92 -4.32
CA LEU B 137 -5.33 23.14 -5.01
C LEU B 137 -6.63 22.93 -5.80
N ASP B 138 -7.60 23.82 -5.60
CA ASP B 138 -8.85 23.74 -6.36
C ASP B 138 -8.56 23.89 -7.86
N TRP B 139 -9.19 23.04 -8.66
CA TRP B 139 -8.86 22.96 -10.08
C TRP B 139 -10.01 22.32 -10.86
N THR B 140 -10.52 23.03 -11.86
CA THR B 140 -11.68 22.55 -12.60
C THR B 140 -11.39 22.24 -14.07
N GLY B 141 -10.27 22.75 -14.57
CA GLY B 141 -9.93 22.58 -15.97
C GLY B 141 -8.92 21.49 -16.22
N ASP B 142 -8.43 21.41 -17.45
CA ASP B 142 -7.40 20.44 -17.80
C ASP B 142 -6.10 20.76 -17.08
N VAL B 143 -5.32 19.72 -16.81
CA VAL B 143 -3.97 19.92 -16.33
C VAL B 143 -3.04 19.72 -17.51
N THR B 144 -2.49 20.82 -18.02
CA THR B 144 -1.60 20.76 -19.18
C THR B 144 -0.16 20.63 -18.68
N PRO B 145 0.75 20.15 -19.55
CA PRO B 145 2.15 20.00 -19.12
C PRO B 145 2.86 21.29 -18.64
N GLU B 146 2.42 22.48 -19.06
CA GLU B 146 3.03 23.75 -18.66
C GLU B 146 2.24 24.44 -17.52
N ASP B 147 1.21 23.77 -17.01
CA ASP B 147 0.65 24.17 -15.72
C ASP B 147 1.54 23.64 -14.60
N LYS B 148 2.01 24.55 -13.75
CA LYS B 148 2.86 24.19 -12.63
C LYS B 148 2.29 24.75 -11.33
N CYS B 149 2.91 24.40 -10.21
CA CYS B 149 2.42 24.88 -8.92
C CYS B 149 2.77 26.35 -8.70
N HIS B 150 2.10 26.95 -7.71
CA HIS B 150 2.39 28.33 -7.33
C HIS B 150 2.75 28.40 -5.85
N CYS B 151 3.26 27.30 -5.31
CA CYS B 151 3.61 27.22 -3.89
C CYS B 151 5.11 27.00 -3.73
N CYS B 152 5.80 26.79 -4.86
CA CYS B 152 7.24 26.57 -4.85
C CYS B 152 7.93 27.66 -5.68
N GLN B 153 9.08 28.15 -5.20
CA GLN B 153 9.90 29.11 -5.95
C GLN B 153 10.17 28.62 -7.37
N PHE B 154 10.58 27.35 -7.47
CA PHE B 154 10.76 26.69 -8.76
C PHE B 154 9.57 25.76 -8.95
N PRO B 155 8.50 26.27 -9.58
CA PRO B 155 7.20 25.64 -9.81
C PRO B 155 7.30 24.17 -10.20
N ALA B 156 6.62 23.30 -9.46
CA ALA B 156 6.70 21.88 -9.70
C ALA B 156 5.55 21.40 -10.58
N PRO B 157 5.71 20.24 -11.23
CA PRO B 157 4.61 19.68 -12.01
C PRO B 157 3.41 19.39 -11.12
N LEU B 158 2.21 19.41 -11.69
CA LEU B 158 1.02 19.14 -10.90
C LEU B 158 0.53 17.73 -11.17
N ARG B 159 -0.02 17.10 -10.13
CA ARG B 159 -0.61 15.79 -10.26
C ARG B 159 -2.06 15.84 -9.78
N PRO B 160 -2.87 14.87 -10.23
CA PRO B 160 -4.24 14.78 -9.71
C PRO B 160 -4.26 14.58 -8.19
N HIS B 161 -5.18 15.24 -7.51
CA HIS B 161 -5.31 15.06 -6.07
C HIS B 161 -6.17 13.83 -5.79
N VAL B 162 -5.75 12.70 -6.36
CA VAL B 162 -6.45 11.44 -6.20
C VAL B 162 -5.51 10.44 -5.54
N VAL B 163 -5.99 9.76 -4.50
CA VAL B 163 -5.18 8.76 -3.82
C VAL B 163 -5.13 7.48 -4.64
N TRP B 164 -3.94 7.13 -5.10
CA TRP B 164 -3.76 5.95 -5.93
C TRP B 164 -3.52 4.72 -5.07
N PHE B 165 -3.77 3.55 -5.65
CA PHE B 165 -3.50 2.30 -4.95
C PHE B 165 -2.03 2.23 -4.60
N GLY B 166 -1.73 2.03 -3.32
CA GLY B 166 -0.36 2.00 -2.87
C GLY B 166 -0.01 3.25 -2.09
N GLU B 167 -0.92 4.23 -2.11
CA GLU B 167 -0.71 5.47 -1.38
C GLU B 167 -1.63 5.52 -0.15
N MET B 168 -1.26 6.36 0.81
CA MET B 168 -2.02 6.47 2.06
C MET B 168 -3.27 7.34 1.89
N PRO B 169 -4.43 6.82 2.33
CA PRO B 169 -5.69 7.58 2.25
C PRO B 169 -5.65 8.84 3.12
N LEU B 170 -6.57 9.76 2.86
CA LEU B 170 -6.61 11.04 3.55
C LEU B 170 -7.60 11.04 4.72
N GLY B 171 -7.27 11.78 5.76
CA GLY B 171 -8.14 11.99 6.90
C GLY B 171 -8.36 10.77 7.78
N MET B 172 -7.41 9.84 7.74
CA MET B 172 -7.56 8.57 8.45
C MET B 172 -7.69 8.73 9.96
N ASP B 173 -6.95 9.67 10.54
CA ASP B 173 -7.02 9.87 11.98
C ASP B 173 -8.43 10.29 12.40
N GLU B 174 -9.02 11.21 11.66
CA GLU B 174 -10.37 11.68 11.94
C GLU B 174 -11.39 10.57 11.69
N ILE B 175 -11.17 9.77 10.65
CA ILE B 175 -12.09 8.68 10.33
C ILE B 175 -12.12 7.63 11.44
N TYR B 176 -10.95 7.22 11.91
CA TYR B 176 -10.89 6.19 12.95
C TYR B 176 -11.44 6.69 14.28
N MET B 177 -11.34 8.00 14.52
CA MET B 177 -11.94 8.58 15.71
C MET B 177 -13.46 8.47 15.61
N ALA B 178 -14.00 8.79 14.44
CA ALA B 178 -15.44 8.72 14.22
C ALA B 178 -15.95 7.28 14.31
N LEU B 179 -15.13 6.34 13.87
CA LEU B 179 -15.48 4.92 13.93
C LEU B 179 -15.66 4.46 15.38
N SER B 180 -14.84 5.00 16.27
CA SER B 180 -14.93 4.62 17.68
C SER B 180 -16.12 5.28 18.36
N MET B 181 -16.58 6.40 17.81
CA MET B 181 -17.64 7.18 18.41
C MET B 181 -19.02 6.84 17.84
N ALA B 182 -19.04 6.23 16.66
CA ALA B 182 -20.28 6.03 15.93
C ALA B 182 -21.26 5.10 16.65
N ASP B 183 -22.50 5.55 16.76
CA ASP B 183 -23.59 4.70 17.23
C ASP B 183 -24.11 3.86 16.07
N ILE B 184 -24.15 4.49 14.89
CA ILE B 184 -24.59 3.80 13.68
C ILE B 184 -23.57 4.00 12.55
N PHE B 185 -23.14 2.90 11.94
CA PHE B 185 -22.24 2.95 10.80
C PHE B 185 -22.97 2.44 9.55
N ILE B 186 -22.97 3.26 8.50
CA ILE B 186 -23.68 2.91 7.26
C ILE B 186 -22.72 2.91 6.07
N ALA B 187 -22.56 1.74 5.44
CA ALA B 187 -21.74 1.64 4.23
C ALA B 187 -22.64 1.62 3.00
N ILE B 188 -22.41 2.56 2.09
CA ILE B 188 -23.28 2.72 0.94
C ILE B 188 -22.53 2.62 -0.39
N GLY B 189 -22.91 1.65 -1.20
CA GLY B 189 -22.33 1.48 -2.52
C GLY B 189 -20.86 1.11 -2.51
N THR B 190 -20.42 0.40 -1.47
CA THR B 190 -19.03 -0.04 -1.38
C THR B 190 -18.90 -1.47 -1.89
N SER B 191 -17.81 -1.76 -2.60
CA SER B 191 -17.62 -3.09 -3.18
C SER B 191 -17.07 -4.08 -2.16
N GLY B 192 -16.30 -3.59 -1.21
CA GLY B 192 -15.70 -4.45 -0.20
C GLY B 192 -14.36 -5.02 -0.64
N HIS B 193 -13.87 -4.54 -1.78
CA HIS B 193 -12.58 -4.97 -2.31
C HIS B 193 -11.48 -3.97 -1.98
N VAL B 194 -11.87 -2.74 -1.67
CA VAL B 194 -10.90 -1.67 -1.47
C VAL B 194 -10.64 -1.40 0.01
N TYR B 195 -9.41 -1.65 0.43
CA TYR B 195 -8.98 -1.42 1.81
C TYR B 195 -8.13 -0.17 1.90
N PRO B 196 -8.06 0.47 3.08
CA PRO B 196 -8.67 0.09 4.36
C PRO B 196 -10.18 0.35 4.49
N ALA B 197 -10.78 1.02 3.51
CA ALA B 197 -12.19 1.39 3.61
C ALA B 197 -13.08 0.18 3.90
N ALA B 198 -12.79 -0.94 3.24
CA ALA B 198 -13.59 -2.16 3.40
C ALA B 198 -13.48 -2.73 4.81
N GLY B 199 -12.47 -2.30 5.55
CA GLY B 199 -12.28 -2.78 6.91
C GLY B 199 -12.95 -1.92 7.98
N PHE B 200 -13.56 -0.81 7.55
CA PHE B 200 -14.16 0.12 8.51
C PHE B 200 -15.31 -0.52 9.27
N VAL B 201 -16.06 -1.38 8.60
CA VAL B 201 -17.21 -2.02 9.24
C VAL B 201 -16.77 -2.86 10.44
N HIS B 202 -15.62 -3.50 10.33
CA HIS B 202 -15.12 -4.31 11.43
C HIS B 202 -14.73 -3.42 12.60
N GLU B 203 -14.09 -2.30 12.29
CA GLU B 203 -13.68 -1.33 13.31
C GLU B 203 -14.90 -0.80 14.05
N ALA B 204 -15.94 -0.45 13.31
CA ALA B 204 -17.16 0.10 13.90
C ALA B 204 -17.79 -0.88 14.88
N LYS B 205 -17.83 -2.16 14.54
CA LYS B 205 -18.47 -3.15 15.39
C LYS B 205 -17.68 -3.49 16.66
N LEU B 206 -16.36 -3.43 16.56
CA LEU B 206 -15.52 -3.65 17.75
C LEU B 206 -15.82 -2.58 18.78
N HIS B 207 -16.25 -1.41 18.33
CA HIS B 207 -16.56 -0.32 19.24
C HIS B 207 -18.06 -0.24 19.52
N GLY B 208 -18.81 -1.25 19.12
CA GLY B 208 -20.20 -1.37 19.49
C GLY B 208 -21.22 -0.67 18.61
N ALA B 209 -20.81 -0.26 17.41
CA ALA B 209 -21.71 0.42 16.50
C ALA B 209 -22.67 -0.55 15.83
N HIS B 210 -23.87 -0.06 15.53
CA HIS B 210 -24.82 -0.83 14.73
C HIS B 210 -24.47 -0.62 13.26
N THR B 211 -24.15 -1.70 12.56
CA THR B 211 -23.67 -1.61 11.19
C THR B 211 -24.76 -1.86 10.16
N VAL B 212 -24.80 -1.01 9.13
CA VAL B 212 -25.81 -1.10 8.08
C VAL B 212 -25.18 -1.06 6.69
N GLU B 213 -25.58 -1.99 5.81
CA GLU B 213 -25.13 -1.96 4.42
C GLU B 213 -26.28 -1.65 3.47
N LEU B 214 -26.09 -0.62 2.66
CA LEU B 214 -27.03 -0.24 1.62
C LEU B 214 -26.31 -0.30 0.28
N ASN B 215 -26.70 -1.23 -0.59
CA ASN B 215 -25.93 -1.45 -1.80
C ASN B 215 -26.76 -2.04 -2.94
N LEU B 216 -26.28 -1.87 -4.17
CA LEU B 216 -26.96 -2.45 -5.33
C LEU B 216 -26.81 -3.97 -5.28
N GLU B 217 -25.62 -4.41 -4.87
CA GLU B 217 -25.38 -5.82 -4.65
C GLU B 217 -24.55 -5.99 -3.37
N PRO B 218 -24.71 -7.14 -2.70
CA PRO B 218 -23.98 -7.32 -1.44
C PRO B 218 -22.47 -7.27 -1.63
N SER B 219 -21.80 -6.36 -0.92
CA SER B 219 -20.35 -6.39 -0.91
C SER B 219 -20.00 -7.66 -0.17
N GLN B 220 -18.84 -8.25 -0.42
CA GLN B 220 -18.56 -9.50 0.28
C GLN B 220 -17.79 -9.24 1.60
N VAL B 221 -18.09 -8.12 2.23
CA VAL B 221 -17.79 -8.03 3.65
C VAL B 221 -19.16 -7.75 4.24
N GLY B 222 -20.16 -8.03 3.41
CA GLY B 222 -21.57 -7.86 3.72
C GLY B 222 -22.10 -8.74 4.83
N ASN B 223 -21.46 -9.88 5.04
CA ASN B 223 -21.94 -10.84 6.03
C ASN B 223 -21.69 -10.38 7.46
N GLU B 224 -21.00 -9.26 7.60
CA GLU B 224 -20.69 -8.74 8.92
C GLU B 224 -21.62 -7.62 9.34
N PHE B 225 -22.40 -7.09 8.40
CA PHE B 225 -23.31 -6.00 8.71
C PHE B 225 -24.54 -6.54 9.44
N ALA B 226 -25.00 -5.80 10.45
CA ALA B 226 -26.13 -6.22 11.25
C ALA B 226 -27.47 -6.01 10.53
N GLU B 227 -27.52 -4.95 9.72
CA GLU B 227 -28.73 -4.61 8.98
C GLU B 227 -28.39 -4.37 7.52
N LYS B 228 -29.19 -4.90 6.59
CA LYS B 228 -28.88 -4.80 5.17
C LYS B 228 -30.11 -4.61 4.29
N TYR B 229 -29.96 -3.77 3.25
CA TYR B 229 -31.01 -3.57 2.26
C TYR B 229 -30.36 -3.41 0.89
N TYR B 230 -30.90 -4.10 -0.11
CA TYR B 230 -30.26 -4.14 -1.42
C TYR B 230 -31.18 -3.70 -2.56
N GLY B 231 -30.59 -3.06 -3.55
CA GLY B 231 -31.31 -2.50 -4.68
C GLY B 231 -30.64 -1.22 -5.12
N PRO B 232 -31.21 -0.53 -6.12
CA PRO B 232 -30.65 0.73 -6.62
C PRO B 232 -30.50 1.77 -5.50
N ALA B 233 -29.39 2.49 -5.50
CA ALA B 233 -29.09 3.47 -4.44
C ALA B 233 -30.18 4.53 -4.33
N SER B 234 -30.70 4.96 -5.47
CA SER B 234 -31.71 6.02 -5.51
C SER B 234 -33.02 5.62 -4.84
N GLN B 235 -33.20 4.34 -4.56
CA GLN B 235 -34.41 3.87 -3.88
C GLN B 235 -34.11 3.36 -2.48
N VAL B 236 -33.02 2.63 -2.32
CA VAL B 236 -32.65 2.02 -1.05
C VAL B 236 -32.20 3.06 -0.02
N VAL B 237 -31.35 3.99 -0.46
CA VAL B 237 -30.83 4.99 0.47
C VAL B 237 -31.91 5.95 0.98
N PRO B 238 -32.75 6.52 0.08
CA PRO B 238 -33.78 7.40 0.64
C PRO B 238 -34.77 6.68 1.54
N GLU B 239 -35.03 5.40 1.30
CA GLU B 239 -36.00 4.68 2.12
C GLU B 239 -35.46 4.36 3.49
N PHE B 240 -34.16 4.08 3.58
CA PHE B 240 -33.55 3.83 4.88
C PHE B 240 -33.39 5.11 5.67
N VAL B 241 -33.02 6.18 4.99
CA VAL B 241 -32.84 7.47 5.66
C VAL B 241 -34.14 7.90 6.33
N GLU B 242 -35.26 7.74 5.63
CA GLU B 242 -36.56 8.12 6.18
C GLU B 242 -36.95 7.19 7.33
N LYS B 243 -36.71 5.90 7.17
CA LYS B 243 -36.88 4.94 8.26
C LYS B 243 -36.06 5.38 9.47
N LEU B 244 -34.81 5.77 9.22
CA LEU B 244 -33.94 6.25 10.30
C LEU B 244 -34.55 7.47 10.96
N LEU B 245 -35.02 8.42 10.15
CA LEU B 245 -35.63 9.64 10.67
C LEU B 245 -36.94 9.41 11.41
N LYS B 246 -37.73 8.42 11.01
CA LYS B 246 -38.99 8.14 11.69
C LYS B 246 -38.69 7.51 13.06
N GLY B 247 -37.53 6.86 13.16
CA GLY B 247 -37.06 6.32 14.42
C GLY B 247 -36.55 7.42 15.35
N LEU B 248 -36.16 8.55 14.76
CA LEU B 248 -35.67 9.69 15.53
C LEU B 248 -36.74 10.44 16.30
N LYS B 249 -37.97 10.46 15.80
CA LYS B 249 -39.04 11.13 16.53
C LYS B 249 -39.89 10.12 17.31
N GLY C 2 8.50 6.88 -0.63
CA GLY C 2 8.31 5.93 -1.71
C GLY C 2 6.98 5.21 -1.66
N GLY C 3 6.20 5.48 -0.62
CA GLY C 3 4.90 4.85 -0.47
C GLY C 3 4.97 3.50 0.21
N ALA C 4 3.85 2.80 0.23
CA ALA C 4 3.78 1.51 0.92
C ALA C 4 4.21 0.35 0.03
C BTK C 5 3.80 -2.46 -0.95
N BTK C 5 4.53 -0.77 0.67
O BTK C 5 2.66 -2.73 -0.54
CA BTK C 5 4.91 -1.96 -0.04
CB BTK C 5 5.28 -3.10 0.94
CD BTK C 5 6.29 -5.24 1.38
CE BTK C 5 6.78 -6.58 0.85
CG BTK C 5 5.83 -4.33 0.27
NZ BTK C 5 6.97 -7.52 1.92
CAA BTK C 5 5.53 -10.62 2.67
OAD BTK C 5 8.14 -9.07 0.69
CAF BTK C 5 7.00 -10.87 2.87
CAJ BTK C 5 7.75 -9.57 3.02
CAN BTK C 5 7.65 -8.73 1.77
N ARG C 6 4.14 -2.61 -2.23
CA ARG C 6 3.14 -2.88 -3.26
C ARG C 6 3.72 -3.63 -4.45
N HIS C 7 2.85 -4.36 -5.14
CA HIS C 7 3.23 -5.10 -6.34
C HIS C 7 2.85 -4.29 -7.57
N ARG C 8 3.56 -4.48 -8.69
CA ARG C 8 3.24 -3.71 -9.89
C ARG C 8 1.89 -4.11 -10.46
N LYS C 9 1.55 -5.39 -10.32
CA LYS C 9 0.24 -5.88 -10.76
C LYS C 9 -0.76 -5.84 -9.61
N ILE C 10 -1.85 -5.10 -9.79
CA ILE C 10 -2.84 -4.92 -8.74
C ILE C 10 -3.96 -5.96 -8.81
N LEU C 11 -4.48 -6.18 -10.02
CA LEU C 11 -5.54 -7.15 -10.23
C LEU C 11 -4.99 -8.53 -10.58
N GLY D 2 -4.47 2.51 9.02
CA GLY D 2 -5.02 1.25 8.53
C GLY D 2 -4.31 0.74 7.29
N GLY D 3 -3.15 1.32 7.00
CA GLY D 3 -2.38 0.91 5.83
C GLY D 3 -2.77 1.68 4.59
N ALA D 4 -2.08 1.41 3.49
CA ALA D 4 -2.32 2.14 2.25
C ALA D 4 -3.54 1.61 1.50
C BTK D 5 -4.66 0.82 -1.09
N BTK D 5 -4.09 2.46 0.62
O BTK D 5 -3.61 0.82 -1.74
CA BTK D 5 -5.12 2.04 -0.30
CB BTK D 5 -5.45 3.18 -1.27
CD BTK D 5 -6.80 4.09 -3.08
CE BTK D 5 -8.13 4.05 -3.84
CG BTK D 5 -6.65 2.91 -2.16
NZ BTK D 5 -8.25 5.13 -4.77
CAA BTK D 5 -7.91 5.38 -8.32
OAD BTK D 5 -10.26 4.47 -5.68
CAF BTK D 5 -9.22 6.06 -8.01
CAJ BTK D 5 -9.26 6.49 -6.56
CAN BTK D 5 -9.31 5.28 -5.65
N ARG D 6 -5.48 -0.23 -1.05
N ARG D 6 -5.47 -0.23 -1.04
CA ARG D 6 -5.09 -1.50 -1.67
CA ARG D 6 -5.10 -1.49 -1.68
C ARG D 6 -6.32 -2.34 -2.05
C ARG D 6 -6.32 -2.34 -2.05
N HIS D 7 -6.17 -3.14 -3.09
CA HIS D 7 -7.26 -3.99 -3.57
C HIS D 7 -7.11 -5.43 -3.06
N ARG D 8 -8.25 -6.08 -2.83
CA ARG D 8 -8.23 -7.46 -2.36
C ARG D 8 -8.95 -8.41 -3.31
N LYS D 9 -8.40 -9.60 -3.44
CA LYS D 9 -8.89 -10.62 -4.37
C LYS D 9 -8.89 -10.10 -5.80
ZN ZN E . 3.53 -4.47 24.25
ZN ZN F . 4.75 23.54 -5.19
#